data_3FN1
#
_entry.id   3FN1
#
_cell.length_a   81.171
_cell.length_b   81.171
_cell.length_c   212.755
_cell.angle_alpha   90.00
_cell.angle_beta   90.00
_cell.angle_gamma   120.00
#
_symmetry.space_group_name_H-M   'P 64 2 2'
#
loop_
_entity.id
_entity.type
_entity.pdbx_description
1 polymer 'NEDD8-activating enzyme E1 catalytic subunit'
2 polymer 'NEDD8-conjugating enzyme UBE2F'
3 water water
#
loop_
_entity_poly.entity_id
_entity_poly.type
_entity_poly.pdbx_seq_one_letter_code
_entity_poly.pdbx_strand_id
1 'polypeptide(L)'
;GSSQLPQNIQFSPSAKLQEVLDYLTNSASLQ(MSE)KSPAITATLEGKNRTLY(MSE)QSVTSIEERTRPNLSKTLKELG
LVDGQELAVADVTTPQTVLFKLHFTS
;
A
2 'polypeptide(L)'
;GSATASDSTRRVSVRDKLLVKEVAELEANLPCTCKVHFPDPNKLHCFQLTVTPDEGYYQGGKFQFETEVPDAYNMVPPKV
KCLTKIWHPNITETGEICLSLLREHSIDGTGWAPTRTLKDVVWGLNSLFTDLLNFDDPLNIEAAEHHLRDKEDFRNKVDD
YIKRYAR
;
B
#
# COMPACT_ATOMS: atom_id res chain seq x y z
N PRO A 6 14.12 -1.00 21.84
CA PRO A 6 14.97 -1.59 20.80
C PRO A 6 15.59 -2.93 21.23
N GLN A 7 14.98 -4.03 20.78
CA GLN A 7 15.41 -5.37 21.15
C GLN A 7 16.72 -5.78 20.47
N ASN A 8 17.34 -6.85 20.97
CA ASN A 8 18.60 -7.35 20.42
C ASN A 8 18.48 -8.71 19.74
N ILE A 9 19.26 -8.89 18.68
CA ILE A 9 19.43 -10.19 18.02
C ILE A 9 20.91 -10.48 17.78
N GLN A 10 21.30 -11.74 18.00
CA GLN A 10 22.68 -12.17 17.81
C GLN A 10 22.82 -13.09 16.59
N PHE A 11 23.51 -12.59 15.56
CA PHE A 11 23.83 -13.37 14.35
C PHE A 11 25.20 -12.99 13.82
N SER A 12 25.84 -13.92 13.11
CA SER A 12 27.15 -13.65 12.49
C SER A 12 26.95 -13.00 11.12
N PRO A 13 27.94 -12.22 10.65
CA PRO A 13 27.91 -11.62 9.31
C PRO A 13 27.67 -12.64 8.18
N SER A 14 28.13 -13.88 8.37
CA SER A 14 27.98 -14.92 7.36
C SER A 14 26.65 -15.67 7.45
N ALA A 15 25.81 -15.32 8.43
CA ALA A 15 24.50 -15.96 8.57
C ALA A 15 23.54 -15.50 7.46
N LYS A 16 22.79 -16.46 6.90
CA LYS A 16 21.83 -16.16 5.84
C LYS A 16 20.62 -15.44 6.41
N LEU A 17 19.98 -14.62 5.57
CA LEU A 17 18.80 -13.86 5.97
C LEU A 17 17.68 -14.80 6.45
N GLN A 18 17.64 -16.00 5.88
CA GLN A 18 16.70 -17.05 6.26
C GLN A 18 16.73 -17.37 7.75
N GLU A 19 17.94 -17.38 8.32
CA GLU A 19 18.11 -17.72 9.75
C GLU A 19 17.45 -16.68 10.66
N VAL A 20 17.48 -15.42 10.25
CA VAL A 20 16.80 -14.34 10.96
C VAL A 20 15.29 -14.60 10.94
N LEU A 21 14.75 -14.85 9.74
CA LEU A 21 13.35 -15.20 9.55
C LEU A 21 12.96 -16.41 10.41
N ASP A 22 13.90 -17.33 10.57
CA ASP A 22 13.72 -18.55 11.36
C ASP A 22 13.55 -18.22 12.84
N TYR A 23 14.41 -17.34 13.35
CA TYR A 23 14.33 -16.93 14.75
C TYR A 23 13.01 -16.22 15.01
N LEU A 24 12.66 -15.29 14.12
CA LEU A 24 11.42 -14.54 14.24
C LEU A 24 10.19 -15.46 14.29
N THR A 25 10.17 -16.45 13.40
CA THR A 25 9.06 -17.38 13.30
C THR A 25 8.97 -18.36 14.47
N ASN A 26 10.13 -18.85 14.91
CA ASN A 26 10.18 -19.99 15.83
C ASN A 26 10.45 -19.67 17.31
N SER A 27 10.95 -18.48 17.61
CA SER A 27 11.19 -18.06 19.00
C SER A 27 9.91 -18.16 19.83
N ALA A 28 10.04 -18.70 21.03
CA ALA A 28 8.91 -18.88 21.94
C ALA A 28 8.36 -17.56 22.50
N SER A 29 9.11 -16.47 22.34
CA SER A 29 8.64 -15.15 22.76
C SER A 29 8.06 -14.37 21.58
N LEU A 30 8.67 -14.54 20.41
CA LEU A 30 8.25 -13.81 19.22
C LEU A 30 7.13 -14.52 18.46
N GLN A 31 7.47 -15.64 17.82
CA GLN A 31 6.51 -16.41 17.00
C GLN A 31 5.70 -15.58 16.01
N MSE A 32 6.42 -14.80 15.20
CA MSE A 32 5.86 -14.07 14.07
C MSE A 32 5.17 -15.06 13.13
O MSE A 32 5.66 -16.18 12.95
CB MSE A 32 6.94 -13.31 13.30
CG MSE A 32 8.04 -12.68 14.15
SE MSE A 32 8.04 -10.73 14.29
CE MSE A 32 8.90 -10.24 12.63
N LYS A 33 4.07 -14.64 12.52
CA LYS A 33 3.30 -15.52 11.65
C LYS A 33 3.81 -15.44 10.22
N SER A 34 3.97 -14.20 9.73
CA SER A 34 4.36 -13.95 8.34
C SER A 34 5.11 -12.61 8.24
N PRO A 35 6.33 -12.56 8.80
CA PRO A 35 6.97 -11.28 9.06
C PRO A 35 7.56 -10.56 7.85
N ALA A 36 7.64 -9.23 7.98
CA ALA A 36 8.36 -8.38 7.05
C ALA A 36 9.67 -7.92 7.70
N ILE A 37 10.76 -7.98 6.93
CA ILE A 37 12.09 -7.59 7.40
C ILE A 37 12.70 -6.56 6.46
N THR A 38 12.92 -5.35 6.98
CA THR A 38 13.48 -4.27 6.16
C THR A 38 14.61 -3.54 6.87
N ALA A 39 15.38 -2.77 6.10
CA ALA A 39 16.48 -1.97 6.64
C ALA A 39 16.75 -0.77 5.73
N THR A 40 17.17 0.34 6.34
CA THR A 40 17.55 1.53 5.59
C THR A 40 19.04 1.51 5.27
N LEU A 41 19.35 1.66 3.98
CA LEU A 41 20.71 1.77 3.50
C LEU A 41 20.85 2.94 2.54
N GLU A 42 21.74 3.88 2.90
CA GLU A 42 22.01 5.08 2.10
C GLU A 42 20.77 5.96 1.91
N GLY A 43 20.04 6.18 2.99
CA GLY A 43 18.85 7.04 2.97
C GLY A 43 17.55 6.37 2.58
N LYS A 44 17.62 5.35 1.72
CA LYS A 44 16.43 4.71 1.18
C LYS A 44 16.14 3.38 1.86
N ASN A 45 14.85 3.05 2.00
CA ASN A 45 14.46 1.74 2.52
C ASN A 45 14.81 0.62 1.56
N ARG A 46 15.38 -0.45 2.09
CA ARG A 46 15.51 -1.69 1.34
C ARG A 46 14.72 -2.79 2.01
N THR A 47 13.85 -3.42 1.23
CA THR A 47 13.06 -4.54 1.72
C THR A 47 13.89 -5.81 1.59
N LEU A 48 14.24 -6.38 2.73
CA LEU A 48 15.04 -7.60 2.76
C LEU A 48 14.17 -8.82 2.46
N TYR A 49 13.09 -8.98 3.23
CA TYR A 49 12.12 -10.02 2.97
C TYR A 49 10.79 -9.73 3.63
N MSE A 50 9.73 -9.81 2.83
CA MSE A 50 8.38 -9.58 3.30
C MSE A 50 7.50 -10.71 2.82
O MSE A 50 7.17 -10.76 1.63
CB MSE A 50 7.86 -8.25 2.76
CG MSE A 50 6.49 -7.86 3.27
SE MSE A 50 6.09 -5.97 2.87
CE MSE A 50 7.77 -5.14 3.41
N GLN A 51 7.13 -11.62 3.70
CA GLN A 51 6.36 -12.74 3.20
C GLN A 51 4.85 -12.55 3.14
N SER A 52 4.40 -11.32 3.37
CA SER A 52 2.99 -11.01 3.55
C SER A 52 2.35 -10.38 2.34
N VAL A 53 3.18 -9.86 1.43
CA VAL A 53 2.73 -9.26 0.19
C VAL A 53 3.28 -10.08 -0.97
N THR A 54 2.38 -10.71 -1.73
CA THR A 54 2.76 -11.61 -2.82
C THR A 54 3.77 -10.99 -3.79
N SER A 55 3.47 -9.81 -4.32
CA SER A 55 4.36 -9.21 -5.31
C SER A 55 5.73 -8.81 -4.76
N ILE A 56 5.81 -8.58 -3.45
CA ILE A 56 7.08 -8.29 -2.79
C ILE A 56 7.78 -9.58 -2.35
N GLU A 57 6.99 -10.53 -1.84
CA GLU A 57 7.51 -11.82 -1.38
C GLU A 57 8.21 -12.57 -2.53
N GLU A 58 7.68 -12.44 -3.72
CA GLU A 58 8.22 -13.17 -4.85
C GLU A 58 9.49 -12.50 -5.31
N ARG A 59 9.52 -11.18 -5.24
CA ARG A 59 10.65 -10.46 -5.74
C ARG A 59 11.81 -10.42 -4.73
N THR A 60 11.50 -10.60 -3.44
CA THR A 60 12.53 -10.57 -2.38
C THR A 60 12.91 -11.96 -1.85
N ARG A 61 12.23 -13.00 -2.32
CA ARG A 61 12.53 -14.36 -1.84
C ARG A 61 13.99 -14.80 -2.04
N PRO A 62 14.63 -14.42 -3.18
CA PRO A 62 16.03 -14.83 -3.36
C PRO A 62 17.02 -14.22 -2.35
N ASN A 63 16.62 -13.19 -1.63
CA ASN A 63 17.46 -12.60 -0.59
C ASN A 63 17.67 -13.53 0.60
N LEU A 64 16.82 -14.54 0.72
CA LEU A 64 16.86 -15.47 1.87
C LEU A 64 18.16 -16.28 2.00
N SER A 65 18.77 -16.61 0.87
CA SER A 65 20.05 -17.33 0.85
C SER A 65 21.24 -16.41 1.06
N LYS A 66 21.01 -15.10 0.99
CA LYS A 66 22.10 -14.14 1.13
C LYS A 66 22.50 -13.92 2.59
N THR A 67 23.81 -13.76 2.82
CA THR A 67 24.30 -13.46 4.17
C THR A 67 24.00 -12.01 4.52
N LEU A 68 23.94 -11.73 5.82
CA LEU A 68 23.72 -10.38 6.29
C LEU A 68 24.78 -9.40 5.74
N LYS A 69 26.04 -9.85 5.74
CA LYS A 69 27.14 -9.10 5.12
C LYS A 69 26.84 -8.80 3.66
N GLU A 70 26.40 -9.84 2.93
CA GLU A 70 26.12 -9.75 1.50
C GLU A 70 25.06 -8.69 1.21
N LEU A 71 24.06 -8.61 2.09
CA LEU A 71 22.93 -7.69 1.89
C LEU A 71 23.29 -6.23 2.15
N GLY A 72 24.47 -6.00 2.72
CA GLY A 72 24.98 -4.67 2.96
C GLY A 72 24.67 -4.17 4.37
N LEU A 73 24.54 -5.11 5.30
CA LEU A 73 24.23 -4.76 6.69
C LEU A 73 25.48 -4.60 7.55
N VAL A 74 25.59 -3.46 8.22
CA VAL A 74 26.72 -3.15 9.12
C VAL A 74 26.41 -3.52 10.58
N ASP A 75 27.46 -3.78 11.36
CA ASP A 75 27.30 -4.17 12.76
C ASP A 75 26.60 -3.08 13.58
N GLY A 76 25.61 -3.49 14.35
CA GLY A 76 24.83 -2.57 15.18
C GLY A 76 23.59 -2.01 14.49
N GLN A 77 23.42 -2.35 13.22
CA GLN A 77 22.33 -1.78 12.41
C GLN A 77 20.97 -2.20 12.93
N GLU A 78 20.02 -1.28 12.85
CA GLU A 78 18.65 -1.54 13.26
C GLU A 78 17.82 -2.01 12.05
N LEU A 79 17.08 -3.10 12.24
CA LEU A 79 16.20 -3.61 11.21
C LEU A 79 14.76 -3.29 11.60
N ALA A 80 13.98 -2.81 10.63
CA ALA A 80 12.57 -2.53 10.85
C ALA A 80 11.78 -3.77 10.47
N VAL A 81 11.23 -4.44 11.47
CA VAL A 81 10.40 -5.61 11.22
C VAL A 81 8.95 -5.42 11.69
N ALA A 82 8.01 -5.94 10.91
CA ALA A 82 6.58 -5.91 11.25
C ALA A 82 5.94 -7.26 10.92
N ASP A 83 4.82 -7.54 11.57
CA ASP A 83 4.15 -8.83 11.47
C ASP A 83 2.71 -8.64 11.91
N VAL A 84 1.87 -9.66 11.72
CA VAL A 84 0.49 -9.62 12.19
C VAL A 84 0.43 -9.48 13.71
N THR A 85 1.41 -10.07 14.39
CA THR A 85 1.43 -10.19 15.85
C THR A 85 2.06 -9.00 16.56
N THR A 86 2.62 -8.07 15.78
CA THR A 86 3.11 -6.80 16.30
C THR A 86 2.03 -5.72 16.08
N PRO A 87 1.71 -4.95 17.14
CA PRO A 87 0.77 -3.83 16.98
C PRO A 87 1.33 -2.74 16.06
N GLN A 88 2.60 -2.40 16.27
CA GLN A 88 3.34 -1.49 15.39
C GLN A 88 4.73 -2.07 15.04
N THR A 89 5.44 -1.43 14.12
CA THR A 89 6.80 -1.85 13.76
C THR A 89 7.71 -1.90 14.99
N VAL A 90 8.40 -3.02 15.15
CA VAL A 90 9.37 -3.22 16.22
C VAL A 90 10.78 -3.21 15.63
N LEU A 91 11.66 -2.42 16.21
CA LEU A 91 13.06 -2.38 15.78
C LEU A 91 13.91 -3.43 16.47
N PHE A 92 14.90 -3.95 15.75
CA PHE A 92 15.80 -4.96 16.27
C PHE A 92 17.24 -4.56 16.04
N LYS A 93 18.03 -4.54 17.12
CA LYS A 93 19.44 -4.18 17.06
C LYS A 93 20.29 -5.42 16.78
N LEU A 94 21.11 -5.32 15.73
CA LEU A 94 21.86 -6.45 15.19
C LEU A 94 23.26 -6.58 15.80
N HIS A 95 23.46 -7.63 16.60
CA HIS A 95 24.75 -7.89 17.24
C HIS A 95 25.52 -8.97 16.51
N PHE A 96 26.57 -8.54 15.79
CA PHE A 96 27.43 -9.46 15.04
C PHE A 96 28.35 -10.30 15.92
N THR A 97 27.99 -11.56 16.14
CA THR A 97 28.86 -12.49 16.86
C THR A 97 29.88 -13.10 15.88
N SER B 8 23.50 7.29 11.69
CA SER B 8 24.09 7.32 10.31
C SER B 8 23.02 7.64 9.24
N THR B 9 23.29 7.23 8.00
CA THR B 9 22.30 7.26 6.91
C THR B 9 21.56 5.91 6.80
N ARG B 10 21.64 5.14 7.89
CA ARG B 10 21.08 3.80 7.98
C ARG B 10 20.04 3.72 9.10
N ARG B 11 19.28 4.80 9.27
CA ARG B 11 18.25 4.88 10.32
C ARG B 11 16.87 4.99 9.68
N VAL B 12 15.93 4.22 10.21
CA VAL B 12 14.60 4.06 9.60
C VAL B 12 13.70 5.26 9.87
N SER B 13 13.19 5.85 8.78
CA SER B 13 12.34 7.03 8.83
C SER B 13 11.00 6.83 9.51
N VAL B 14 10.26 7.93 9.65
CA VAL B 14 8.91 7.92 10.23
C VAL B 14 7.94 7.25 9.26
N ARG B 15 8.01 7.65 8.00
CA ARG B 15 7.17 7.08 6.95
C ARG B 15 7.41 5.58 6.82
N ASP B 16 8.68 5.20 6.69
CA ASP B 16 9.04 3.80 6.46
C ASP B 16 8.61 2.88 7.60
N LYS B 17 8.88 3.29 8.85
CA LYS B 17 8.46 2.52 10.02
C LYS B 17 6.96 2.24 10.00
N LEU B 18 6.18 3.22 9.58
CA LEU B 18 4.75 3.05 9.42
C LEU B 18 4.43 2.08 8.28
N LEU B 19 5.07 2.31 7.13
CA LEU B 19 4.79 1.56 5.91
C LEU B 19 5.12 0.07 5.98
N VAL B 20 6.19 -0.29 6.68
CA VAL B 20 6.53 -1.71 6.82
C VAL B 20 5.31 -2.43 7.42
N LYS B 21 4.74 -1.85 8.48
CA LYS B 21 3.56 -2.39 9.12
C LYS B 21 2.34 -2.33 8.22
N GLU B 22 2.16 -1.19 7.56
CA GLU B 22 0.93 -0.93 6.82
C GLU B 22 0.84 -1.76 5.55
N VAL B 23 1.97 -1.89 4.86
CA VAL B 23 2.06 -2.71 3.67
C VAL B 23 1.92 -4.19 4.02
N ALA B 24 2.57 -4.61 5.10
CA ALA B 24 2.52 -6.00 5.54
C ALA B 24 1.10 -6.47 5.80
N GLU B 25 0.25 -5.57 6.30
CA GLU B 25 -1.13 -5.93 6.66
C GLU B 25 -2.13 -5.67 5.52
N LEU B 26 -1.65 -5.06 4.45
CA LEU B 26 -2.50 -4.54 3.38
C LEU B 26 -3.23 -5.64 2.60
N GLU B 27 -2.52 -6.65 2.14
CA GLU B 27 -3.10 -7.69 1.29
C GLU B 27 -4.09 -8.59 2.01
N ALA B 28 -3.82 -8.86 3.28
CA ALA B 28 -4.71 -9.65 4.11
C ALA B 28 -6.03 -8.93 4.40
N ASN B 29 -6.07 -7.61 4.19
CA ASN B 29 -7.26 -6.84 4.54
C ASN B 29 -7.90 -6.08 3.37
N LEU B 30 -7.63 -6.53 2.16
CA LEU B 30 -8.18 -5.91 0.96
C LEU B 30 -9.64 -6.26 0.79
N PRO B 31 -10.42 -5.36 0.18
CA PRO B 31 -11.69 -5.86 -0.31
C PRO B 31 -11.39 -6.98 -1.30
N CYS B 32 -12.25 -7.99 -1.30
CA CYS B 32 -12.23 -9.07 -2.26
C CYS B 32 -12.12 -8.56 -3.71
N THR B 33 -12.72 -7.41 -3.98
CA THR B 33 -12.72 -6.81 -5.31
C THR B 33 -11.37 -6.14 -5.70
N CYS B 34 -10.38 -6.17 -4.80
CA CYS B 34 -9.14 -5.41 -4.98
C CYS B 34 -7.89 -6.26 -5.01
N LYS B 35 -6.86 -5.76 -5.69
CA LYS B 35 -5.54 -6.39 -5.70
C LYS B 35 -4.48 -5.31 -5.70
N VAL B 36 -3.29 -5.68 -5.26
CA VAL B 36 -2.26 -4.71 -5.00
C VAL B 36 -0.96 -5.18 -5.67
N HIS B 37 -0.24 -4.25 -6.28
CA HIS B 37 1.03 -4.60 -6.89
C HIS B 37 2.13 -3.56 -6.65
N PHE B 38 3.31 -4.05 -6.24
CA PHE B 38 4.47 -3.20 -5.94
C PHE B 38 5.56 -3.39 -6.99
N PRO B 39 5.59 -2.51 -8.01
CA PRO B 39 6.55 -2.62 -9.12
C PRO B 39 8.00 -2.67 -8.65
N ASP B 40 8.27 -2.06 -7.49
CA ASP B 40 9.59 -2.07 -6.87
C ASP B 40 9.43 -2.44 -5.40
N PRO B 41 10.00 -3.58 -4.97
CA PRO B 41 9.85 -4.05 -3.59
C PRO B 41 10.53 -3.20 -2.51
N ASN B 42 11.50 -2.37 -2.88
CA ASN B 42 12.09 -1.44 -1.91
C ASN B 42 11.22 -0.22 -1.70
N LYS B 43 10.58 0.24 -2.79
CA LYS B 43 9.72 1.41 -2.74
C LYS B 43 8.35 1.07 -2.16
N LEU B 44 8.29 0.93 -0.83
CA LEU B 44 7.05 0.61 -0.14
C LEU B 44 6.07 1.78 -0.21
N HIS B 45 6.60 2.94 -0.59
CA HIS B 45 5.81 4.17 -0.68
C HIS B 45 5.17 4.29 -2.06
N CYS B 46 5.06 3.16 -2.75
CA CYS B 46 4.69 3.17 -4.15
C CYS B 46 4.07 1.85 -4.54
N PHE B 47 2.78 1.90 -4.92
CA PHE B 47 2.11 0.70 -5.40
C PHE B 47 0.94 1.00 -6.32
N GLN B 48 0.46 -0.04 -6.98
CA GLN B 48 -0.72 0.06 -7.83
C GLN B 48 -1.83 -0.81 -7.31
N LEU B 49 -3.06 -0.32 -7.48
CA LEU B 49 -4.23 -0.99 -6.98
C LEU B 49 -5.18 -1.21 -8.13
N THR B 50 -5.71 -2.43 -8.23
CA THR B 50 -6.75 -2.74 -9.21
C THR B 50 -8.07 -3.00 -8.49
N VAL B 51 -9.10 -2.23 -8.84
CA VAL B 51 -10.44 -2.47 -8.34
C VAL B 51 -11.26 -3.10 -9.46
N THR B 52 -11.87 -4.25 -9.19
CA THR B 52 -12.78 -4.93 -10.11
C THR B 52 -14.15 -5.05 -9.42
N PRO B 53 -15.04 -4.07 -9.63
CA PRO B 53 -16.34 -4.05 -8.93
C PRO B 53 -17.21 -5.29 -9.20
N ASP B 54 -17.99 -5.72 -8.22
CA ASP B 54 -18.87 -6.86 -8.40
C ASP B 54 -20.34 -6.46 -8.53
N GLU B 55 -20.59 -5.16 -8.58
CA GLU B 55 -21.95 -4.59 -8.66
C GLU B 55 -21.90 -3.16 -9.20
N GLY B 56 -23.07 -2.59 -9.48
CA GLY B 56 -23.21 -1.20 -9.93
C GLY B 56 -22.88 -1.02 -11.39
N TYR B 57 -22.83 0.26 -11.82
CA TYR B 57 -22.57 0.65 -13.21
C TYR B 57 -21.23 0.16 -13.76
N TYR B 58 -20.24 -0.02 -12.87
CA TYR B 58 -18.87 -0.31 -13.29
C TYR B 58 -18.52 -1.78 -13.06
N GLN B 59 -19.54 -2.60 -12.81
CA GLN B 59 -19.37 -4.02 -12.62
C GLN B 59 -18.59 -4.58 -13.79
N GLY B 60 -17.50 -5.28 -13.49
CA GLY B 60 -16.73 -5.95 -14.52
C GLY B 60 -15.58 -5.16 -15.10
N GLY B 61 -15.69 -3.82 -15.13
CA GLY B 61 -14.53 -2.99 -15.42
C GLY B 61 -13.38 -3.35 -14.49
N LYS B 62 -12.16 -3.08 -14.94
CA LYS B 62 -10.98 -3.16 -14.07
C LYS B 62 -10.42 -1.75 -13.98
N PHE B 63 -10.17 -1.26 -12.79
CA PHE B 63 -9.75 0.13 -12.64
C PHE B 63 -8.46 0.23 -11.86
N GLN B 64 -7.43 0.71 -12.53
CA GLN B 64 -6.09 0.76 -11.97
C GLN B 64 -5.83 2.11 -11.32
N PHE B 65 -5.20 2.07 -10.17
CA PHE B 65 -4.87 3.27 -9.42
C PHE B 65 -3.41 3.25 -9.03
N GLU B 66 -2.76 4.39 -9.19
CA GLU B 66 -1.43 4.56 -8.67
C GLU B 66 -1.49 5.45 -7.44
N THR B 67 -0.86 4.98 -6.37
CA THR B 67 -0.78 5.77 -5.14
C THR B 67 0.68 5.93 -4.73
N GLU B 68 1.05 7.15 -4.35
CA GLU B 68 2.39 7.44 -3.84
C GLU B 68 2.27 8.13 -2.50
N VAL B 69 2.96 7.59 -1.49
CA VAL B 69 2.89 8.20 -0.17
C VAL B 69 4.08 9.14 0.08
N PRO B 70 3.79 10.44 0.29
CA PRO B 70 4.81 11.48 0.45
C PRO B 70 5.69 11.28 1.69
N ASP B 71 6.90 11.85 1.64
CA ASP B 71 7.88 11.72 2.73
C ASP B 71 7.35 12.13 4.10
N ALA B 72 6.39 13.04 4.12
CA ALA B 72 5.72 13.45 5.35
C ALA B 72 4.42 12.68 5.56
N TYR B 73 4.48 11.35 5.42
CA TYR B 73 3.26 10.53 5.47
C TYR B 73 2.64 10.35 6.84
N ASN B 74 1.30 10.42 6.80
CA ASN B 74 0.35 10.16 7.89
C ASN B 74 0.02 11.45 8.64
N MET B 75 0.81 12.48 8.37
CA MET B 75 0.44 13.86 8.67
C MET B 75 -0.24 14.43 7.42
N VAL B 76 0.16 13.88 6.27
CA VAL B 76 -0.38 14.22 4.96
C VAL B 76 -0.81 12.90 4.30
N PRO B 77 -1.99 12.88 3.63
CA PRO B 77 -2.47 11.65 2.98
C PRO B 77 -1.64 11.22 1.77
N PRO B 78 -1.70 9.94 1.39
CA PRO B 78 -1.06 9.52 0.15
C PRO B 78 -1.67 10.23 -1.04
N LYS B 79 -0.84 10.52 -2.05
CA LYS B 79 -1.32 11.02 -3.32
C LYS B 79 -1.86 9.84 -4.10
N VAL B 80 -3.07 9.95 -4.63
CA VAL B 80 -3.62 8.88 -5.46
C VAL B 80 -4.12 9.38 -6.82
N LYS B 81 -3.67 8.72 -7.88
CA LYS B 81 -4.11 8.97 -9.26
C LYS B 81 -4.76 7.70 -9.82
N CYS B 82 -5.79 7.86 -10.64
CA CYS B 82 -6.41 6.74 -11.34
C CYS B 82 -5.86 6.68 -12.75
N LEU B 83 -5.55 5.46 -13.21
CA LEU B 83 -4.87 5.28 -14.49
C LEU B 83 -5.81 4.80 -15.60
N THR B 84 -7.03 4.43 -15.23
CA THR B 84 -8.01 3.91 -16.17
C THR B 84 -8.99 5.00 -16.56
N LYS B 85 -8.98 5.38 -17.83
CA LYS B 85 -9.89 6.39 -18.37
C LYS B 85 -11.32 5.93 -18.13
N ILE B 86 -12.15 6.85 -17.63
CA ILE B 86 -13.44 6.48 -17.08
C ILE B 86 -14.43 7.63 -17.18
N TRP B 87 -15.71 7.29 -17.30
CA TRP B 87 -16.80 8.27 -17.24
C TRP B 87 -17.48 8.13 -15.88
N HIS B 88 -17.08 9.00 -14.94
CA HIS B 88 -17.40 8.85 -13.53
C HIS B 88 -17.46 10.24 -12.88
N PRO B 89 -18.47 10.48 -12.02
CA PRO B 89 -18.61 11.80 -11.37
C PRO B 89 -17.52 12.15 -10.36
N ASN B 90 -16.83 11.16 -9.81
CA ASN B 90 -15.85 11.40 -8.74
C ASN B 90 -14.42 11.07 -9.15
N ILE B 91 -14.28 10.51 -10.34
CA ILE B 91 -12.98 10.22 -10.92
C ILE B 91 -12.97 10.84 -12.32
N THR B 92 -12.00 11.72 -12.59
CA THR B 92 -11.96 12.40 -13.89
C THR B 92 -11.36 11.53 -14.98
N GLU B 93 -11.63 11.91 -16.24
CA GLU B 93 -11.07 11.21 -17.40
C GLU B 93 -9.54 11.12 -17.33
N THR B 94 -8.90 12.17 -16.82
CA THR B 94 -7.43 12.19 -16.68
C THR B 94 -6.96 11.62 -15.35
N GLY B 95 -7.91 11.22 -14.50
CA GLY B 95 -7.58 10.36 -13.37
C GLY B 95 -7.43 10.97 -11.99
N GLU B 96 -7.87 12.21 -11.79
CA GLU B 96 -7.90 12.73 -10.44
C GLU B 96 -9.18 12.34 -9.72
N ILE B 97 -9.07 12.21 -8.41
CA ILE B 97 -10.04 11.53 -7.58
C ILE B 97 -10.61 12.49 -6.56
N CYS B 98 -11.92 12.39 -6.36
CA CYS B 98 -12.60 13.07 -5.27
C CYS B 98 -12.95 12.05 -4.17
N LEU B 99 -12.04 11.89 -3.22
CA LEU B 99 -12.27 11.04 -2.05
C LEU B 99 -11.96 11.89 -0.84
N SER B 100 -12.97 12.18 -0.03
CA SER B 100 -12.82 13.16 1.06
C SER B 100 -11.75 12.74 2.07
N LEU B 101 -11.65 11.43 2.31
CA LEU B 101 -10.61 10.86 3.16
C LEU B 101 -9.19 11.27 2.72
N LEU B 102 -9.06 11.76 1.49
CA LEU B 102 -7.76 12.14 0.92
C LEU B 102 -7.48 13.64 1.00
N ARG B 103 -8.44 14.41 1.50
CA ARG B 103 -8.30 15.85 1.71
C ARG B 103 -7.64 16.13 3.06
N GLU B 104 -7.39 17.40 3.36
CA GLU B 104 -6.94 17.84 4.68
C GLU B 104 -8.10 18.45 5.45
N HIS B 105 -8.57 17.71 6.46
CA HIS B 105 -9.82 18.00 7.17
C HIS B 105 -9.89 19.41 7.76
N SER B 106 -10.79 20.21 7.19
CA SER B 106 -11.12 21.52 7.75
C SER B 106 -12.32 21.37 8.69
N ILE B 107 -13.44 22.00 8.37
CA ILE B 107 -14.70 21.81 9.10
C ILE B 107 -15.20 20.38 8.90
N ASP B 108 -15.23 19.92 7.66
CA ASP B 108 -15.57 18.53 7.35
C ASP B 108 -14.48 17.62 7.89
N GLY B 109 -14.58 17.29 9.18
CA GLY B 109 -13.61 16.42 9.86
C GLY B 109 -13.50 15.04 9.25
N THR B 110 -13.97 14.92 8.00
CA THR B 110 -13.98 13.68 7.23
C THR B 110 -12.74 13.58 6.34
N GLY B 111 -11.83 14.55 6.45
CA GLY B 111 -10.58 14.54 5.69
C GLY B 111 -9.56 13.57 6.26
N TRP B 112 -8.30 13.77 5.90
CA TRP B 112 -7.22 12.91 6.38
C TRP B 112 -6.93 13.10 7.88
N ALA B 113 -6.45 12.03 8.51
CA ALA B 113 -6.03 12.03 9.91
C ALA B 113 -4.94 10.98 10.08
N PRO B 114 -3.99 11.20 11.01
CA PRO B 114 -2.91 10.24 11.29
C PRO B 114 -3.41 8.83 11.62
N THR B 115 -4.63 8.73 12.13
CA THR B 115 -5.25 7.44 12.46
C THR B 115 -5.67 6.65 11.23
N ARG B 116 -5.55 7.26 10.05
CA ARG B 116 -5.90 6.58 8.81
C ARG B 116 -4.71 5.82 8.25
N THR B 117 -4.95 4.61 7.73
CA THR B 117 -3.89 3.77 7.19
C THR B 117 -4.11 3.47 5.71
N LEU B 118 -3.18 2.77 5.08
CA LEU B 118 -3.29 2.39 3.67
C LEU B 118 -4.54 1.54 3.40
N LYS B 119 -4.84 0.64 4.32
CA LYS B 119 -6.07 -0.15 4.31
C LYS B 119 -7.33 0.73 4.18
N ASP B 120 -7.36 1.86 4.89
CA ASP B 120 -8.47 2.81 4.81
C ASP B 120 -8.64 3.39 3.41
N VAL B 121 -7.53 3.77 2.80
CA VAL B 121 -7.51 4.36 1.46
C VAL B 121 -8.09 3.41 0.40
N VAL B 122 -7.66 2.17 0.46
CA VAL B 122 -8.08 1.14 -0.49
C VAL B 122 -9.59 0.93 -0.39
N TRP B 123 -10.10 0.77 0.83
CA TRP B 123 -11.53 0.61 1.03
C TRP B 123 -12.31 1.84 0.53
N GLY B 124 -11.70 3.02 0.67
CA GLY B 124 -12.27 4.25 0.12
C GLY B 124 -12.34 4.23 -1.40
N LEU B 125 -11.23 3.89 -2.06
CA LEU B 125 -11.23 3.87 -3.53
C LEU B 125 -12.25 2.84 -4.03
N ASN B 126 -12.26 1.68 -3.37
CA ASN B 126 -13.18 0.62 -3.73
C ASN B 126 -14.64 1.06 -3.70
N SER B 127 -15.00 1.85 -2.69
CA SER B 127 -16.34 2.43 -2.54
C SER B 127 -16.73 3.46 -3.61
N LEU B 128 -15.76 4.03 -4.33
CA LEU B 128 -16.05 5.02 -5.37
C LEU B 128 -16.93 4.45 -6.48
N PHE B 129 -17.03 3.12 -6.51
CA PHE B 129 -17.82 2.45 -7.53
C PHE B 129 -19.13 1.95 -6.94
N THR B 130 -19.24 2.02 -5.61
CA THR B 130 -20.45 1.56 -4.90
C THR B 130 -21.09 2.66 -4.06
N ASP B 131 -20.83 2.64 -2.74
CA ASP B 131 -21.52 3.52 -1.81
C ASP B 131 -21.03 4.98 -1.84
N LEU B 132 -19.79 5.20 -2.28
CA LEU B 132 -19.27 6.56 -2.40
C LEU B 132 -19.29 7.10 -3.83
N LEU B 133 -20.10 6.48 -4.69
CA LEU B 133 -20.35 7.01 -6.02
C LEU B 133 -21.46 8.04 -5.89
N ASN B 134 -21.13 9.32 -5.99
CA ASN B 134 -22.15 10.36 -5.87
C ASN B 134 -22.10 11.50 -6.87
N PHE B 135 -23.29 11.82 -7.39
CA PHE B 135 -23.47 12.81 -8.44
C PHE B 135 -23.77 14.19 -7.86
N ASP B 136 -23.85 14.25 -6.54
CA ASP B 136 -24.01 15.50 -5.80
C ASP B 136 -22.63 16.03 -5.44
N ASP B 137 -22.35 17.26 -5.84
CA ASP B 137 -21.03 17.86 -5.67
C ASP B 137 -19.93 16.99 -6.31
N PRO B 138 -20.09 16.63 -7.61
CA PRO B 138 -19.09 15.82 -8.29
C PRO B 138 -17.85 16.62 -8.68
N LEU B 139 -16.83 15.91 -9.18
CA LEU B 139 -15.60 16.52 -9.67
C LEU B 139 -15.66 16.62 -11.19
N ASN B 140 -16.28 15.62 -11.80
CA ASN B 140 -16.64 15.66 -13.21
C ASN B 140 -18.11 16.03 -13.33
N ILE B 141 -18.36 17.34 -13.49
CA ILE B 141 -19.72 17.88 -13.60
C ILE B 141 -20.40 17.40 -14.87
N GLU B 142 -19.64 17.23 -15.94
CA GLU B 142 -20.18 16.80 -17.23
C GLU B 142 -20.83 15.42 -17.11
N ALA B 143 -20.19 14.52 -16.37
CA ALA B 143 -20.68 13.15 -16.22
C ALA B 143 -21.98 13.11 -15.42
N ALA B 144 -22.03 13.87 -14.33
CA ALA B 144 -23.25 14.02 -13.54
C ALA B 144 -24.39 14.61 -14.39
N GLU B 145 -24.08 15.64 -15.18
CA GLU B 145 -25.04 16.21 -16.12
C GLU B 145 -25.54 15.15 -17.08
N HIS B 146 -24.63 14.34 -17.60
CA HIS B 146 -24.95 13.28 -18.55
C HIS B 146 -25.91 12.28 -17.91
N HIS B 147 -25.54 11.83 -16.70
CA HIS B 147 -26.36 10.89 -15.94
C HIS B 147 -27.74 11.46 -15.66
N LEU B 148 -27.78 12.76 -15.39
CA LEU B 148 -29.02 13.47 -15.12
C LEU B 148 -29.96 13.50 -16.34
N ARG B 149 -29.42 13.90 -17.49
CA ARG B 149 -30.23 14.06 -18.70
C ARG B 149 -30.67 12.75 -19.34
N ASP B 150 -29.75 11.79 -19.44
CA ASP B 150 -30.05 10.51 -20.08
C ASP B 150 -29.24 9.39 -19.45
N LYS B 151 -29.81 8.80 -18.40
CA LYS B 151 -29.20 7.69 -17.67
C LYS B 151 -28.81 6.53 -18.59
N GLU B 152 -29.68 6.22 -19.56
CA GLU B 152 -29.48 5.10 -20.49
C GLU B 152 -28.27 5.33 -21.39
N ASP B 153 -28.14 6.54 -21.93
CA ASP B 153 -26.98 6.89 -22.74
C ASP B 153 -25.72 7.02 -21.87
N PHE B 154 -25.90 7.46 -20.62
CA PHE B 154 -24.80 7.55 -19.67
C PHE B 154 -24.16 6.18 -19.49
N ARG B 155 -25.00 5.18 -19.25
CA ARG B 155 -24.53 3.80 -19.03
C ARG B 155 -23.76 3.31 -20.24
N ASN B 156 -24.26 3.64 -21.43
CA ASN B 156 -23.62 3.25 -22.69
C ASN B 156 -22.24 3.85 -22.86
N LYS B 157 -22.07 5.11 -22.44
CA LYS B 157 -20.76 5.76 -22.45
C LYS B 157 -19.82 5.08 -21.47
N VAL B 158 -20.32 4.82 -20.25
CA VAL B 158 -19.59 4.07 -19.23
C VAL B 158 -19.15 2.71 -19.77
N ASP B 159 -20.08 1.99 -20.40
CA ASP B 159 -19.83 0.65 -20.93
C ASP B 159 -18.81 0.69 -22.05
N ASP B 160 -18.91 1.71 -22.88
CA ASP B 160 -18.01 1.90 -24.01
C ASP B 160 -16.58 2.16 -23.52
N TYR B 161 -16.46 2.99 -22.48
CA TYR B 161 -15.17 3.29 -21.84
C TYR B 161 -14.57 2.06 -21.16
N ILE B 162 -15.40 1.29 -20.47
CA ILE B 162 -14.93 0.06 -19.85
C ILE B 162 -14.40 -0.87 -20.94
N LYS B 163 -15.18 -1.01 -22.02
CA LYS B 163 -14.83 -1.90 -23.12
C LYS B 163 -13.54 -1.48 -23.82
N ARG B 164 -13.25 -0.18 -23.83
CA ARG B 164 -12.09 0.33 -24.52
C ARG B 164 -10.84 0.39 -23.64
N TYR B 165 -11.00 0.76 -22.38
CA TYR B 165 -9.86 1.10 -21.52
C TYR B 165 -9.70 0.27 -20.24
N ALA B 166 -10.71 -0.54 -19.91
CA ALA B 166 -10.78 -1.19 -18.61
C ALA B 166 -11.15 -2.68 -18.70
N ARG B 167 -10.74 -3.31 -19.79
CA ARG B 167 -11.07 -4.71 -20.06
C ARG B 167 -9.78 -5.52 -20.02
#